data_5IOM
#
_entry.id   5IOM
#
_cell.length_a   71.590
_cell.length_b   71.590
_cell.length_c   219.440
_cell.angle_alpha   90.000
_cell.angle_beta   90.000
_cell.angle_gamma   120.000
#
_symmetry.space_group_name_H-M   'P 63 2 2'
#
loop_
_entity.id
_entity.type
_entity.pdbx_description
1 polymer 'Nucleoside diphosphate kinase'
2 water water
#
_entity_poly.entity_id   1
_entity_poly.type   'polypeptide(L)'
_entity_poly.pdbx_seq_one_letter_code
;GPERTFIMVKPDGVQRGLVGEVIQRFERRGYKLVAIKMMHASEQLLQTHYEALKSLSFFPKLVAYMSSGPVVPMVFEGRK
VVENGRTMLGATKPEASCPGSIRGDYCQDVGRNVVHGSDSTESANREINLWFSPQELCQYKQAVDPWIHE
;
_entity_poly.pdbx_strand_id   A,B
#
# COMPACT_ATOMS: atom_id res chain seq x y z
N GLY A 1 -10.53 21.45 3.49
CA GLY A 1 -9.84 21.40 2.21
C GLY A 1 -10.38 22.33 1.15
N PRO A 2 -11.65 22.16 0.73
CA PRO A 2 -12.54 21.05 1.10
C PRO A 2 -11.94 19.72 0.63
N GLU A 3 -12.04 18.68 1.45
CA GLU A 3 -11.46 17.38 1.12
CA GLU A 3 -11.43 17.41 1.09
C GLU A 3 -12.12 16.79 -0.13
N ARG A 4 -11.29 16.24 -1.04
CA ARG A 4 -11.81 15.61 -2.25
C ARG A 4 -11.06 14.30 -2.50
N THR A 5 -11.75 13.34 -3.12
CA THR A 5 -11.11 12.10 -3.52
C THR A 5 -11.44 11.81 -4.99
N PHE A 6 -10.57 11.04 -5.63
CA PHE A 6 -10.75 10.60 -7.00
C PHE A 6 -11.25 9.15 -6.99
N ILE A 7 -12.38 8.91 -7.64
CA ILE A 7 -12.98 7.59 -7.81
C ILE A 7 -13.06 7.32 -9.31
N MET A 8 -12.77 6.09 -9.73
CA MET A 8 -12.84 5.73 -11.14
C MET A 8 -13.48 4.36 -11.30
N VAL A 9 -14.59 4.29 -12.05
CA VAL A 9 -15.16 2.99 -12.41
C VAL A 9 -14.31 2.38 -13.51
N LYS A 10 -13.83 1.17 -13.29
CA LYS A 10 -12.89 0.48 -14.20
C LYS A 10 -13.68 -0.17 -15.33
N PRO A 11 -13.00 -0.70 -16.36
CA PRO A 11 -13.77 -1.20 -17.53
C PRO A 11 -14.78 -2.27 -17.15
N ASP A 12 -14.48 -3.10 -16.14
CA ASP A 12 -15.44 -4.15 -15.78
C ASP A 12 -16.65 -3.57 -15.07
N GLY A 13 -16.47 -2.50 -14.28
CA GLY A 13 -17.65 -1.85 -13.69
C GLY A 13 -18.56 -1.21 -14.73
N VAL A 14 -17.98 -0.68 -15.81
CA VAL A 14 -18.81 -0.17 -16.89
C VAL A 14 -19.58 -1.30 -17.55
N GLN A 15 -18.87 -2.35 -17.97
CA GLN A 15 -19.53 -3.50 -18.60
C GLN A 15 -20.66 -4.07 -17.76
N ARG A 16 -20.43 -4.21 -16.46
CA ARG A 16 -21.41 -4.85 -15.58
C ARG A 16 -22.50 -3.90 -15.08
N GLY A 17 -22.54 -2.66 -15.56
CA GLY A 17 -23.68 -1.79 -15.25
C GLY A 17 -23.68 -1.33 -13.81
N LEU A 18 -22.51 -0.98 -13.28
CA LEU A 18 -22.36 -0.61 -11.88
C LEU A 18 -21.96 0.86 -11.68
N VAL A 19 -21.96 1.67 -12.74
CA VAL A 19 -21.58 3.09 -12.61
C VAL A 19 -22.53 3.82 -11.65
N GLY A 20 -23.83 3.73 -11.89
CA GLY A 20 -24.78 4.42 -11.02
C GLY A 20 -24.69 3.95 -9.58
N GLU A 21 -24.47 2.64 -9.39
CA GLU A 21 -24.35 2.09 -8.04
C GLU A 21 -23.16 2.69 -7.29
N VAL A 22 -22.01 2.81 -7.96
CA VAL A 22 -20.86 3.42 -7.29
C VAL A 22 -21.18 4.85 -6.90
N ILE A 23 -21.75 5.62 -7.83
CA ILE A 23 -22.11 7.01 -7.57
C ILE A 23 -23.08 7.11 -6.42
N GLN A 24 -24.12 6.26 -6.43
CA GLN A 24 -25.14 6.33 -5.39
C GLN A 24 -24.56 6.07 -4.01
N ARG A 25 -23.55 5.20 -3.89
CA ARG A 25 -22.99 4.96 -2.56
C ARG A 25 -22.34 6.20 -1.99
N PHE A 26 -21.71 7.01 -2.83
CA PHE A 26 -21.17 8.27 -2.33
C PHE A 26 -22.27 9.29 -2.05
N GLU A 27 -23.24 9.44 -2.99
CA GLU A 27 -24.32 10.39 -2.77
C GLU A 27 -25.08 10.11 -1.49
N ARG A 28 -25.36 8.85 -1.18
CA ARG A 28 -26.23 8.65 -0.02
C ARG A 28 -25.49 8.93 1.30
N ARG A 29 -24.17 8.95 1.26
CA ARG A 29 -23.38 9.41 2.40
C ARG A 29 -23.22 10.94 2.44
N GLY A 30 -23.94 11.68 1.59
CA GLY A 30 -23.90 13.13 1.58
C GLY A 30 -22.74 13.75 0.82
N TYR A 31 -21.93 12.93 0.13
CA TYR A 31 -20.79 13.47 -0.60
C TYR A 31 -21.26 14.14 -1.91
N LYS A 32 -20.56 15.20 -2.30
CA LYS A 32 -20.90 16.01 -3.47
C LYS A 32 -20.11 15.53 -4.67
N LEU A 33 -20.81 15.23 -5.75
CA LEU A 33 -20.13 14.97 -7.00
C LEU A 33 -19.65 16.31 -7.55
N VAL A 34 -18.38 16.44 -7.90
CA VAL A 34 -17.90 17.70 -8.46
C VAL A 34 -17.33 17.57 -9.86
N ALA A 35 -17.09 16.37 -10.36
CA ALA A 35 -16.64 16.16 -11.73
C ALA A 35 -16.92 14.71 -12.11
N ILE A 36 -17.16 14.46 -13.40
CA ILE A 36 -17.32 13.10 -13.90
C ILE A 36 -17.17 13.13 -15.42
N LYS A 37 -16.63 12.05 -15.97
CA LYS A 37 -16.66 11.90 -17.43
C LYS A 37 -16.43 10.44 -17.75
N MET A 38 -16.85 10.05 -18.96
CA MET A 38 -16.55 8.73 -19.52
C MET A 38 -15.52 8.92 -20.62
N MET A 39 -14.48 8.08 -20.62
CA MET A 39 -13.42 8.24 -21.62
C MET A 39 -12.75 6.90 -21.86
N HIS A 40 -12.07 6.81 -23.01
CA HIS A 40 -11.08 5.76 -23.26
C HIS A 40 -9.75 6.29 -22.74
N ALA A 41 -9.24 5.72 -21.66
CA ALA A 41 -8.01 6.25 -21.10
C ALA A 41 -6.81 5.73 -21.87
N SER A 42 -5.87 6.62 -22.19
CA SER A 42 -4.72 6.26 -23.00
C SER A 42 -3.65 5.56 -22.14
N GLU A 43 -2.78 4.81 -22.83
CA GLU A 43 -1.66 4.19 -22.15
C GLU A 43 -0.81 5.21 -21.38
N GLN A 44 -0.59 6.38 -21.97
CA GLN A 44 0.28 7.37 -21.33
C GLN A 44 -0.34 7.90 -20.06
N LEU A 45 -1.65 8.20 -20.11
CA LEU A 45 -2.36 8.63 -18.90
C LEU A 45 -2.32 7.56 -17.83
N LEU A 46 -2.58 6.31 -18.20
CA LEU A 46 -2.64 5.25 -17.19
C LEU A 46 -1.27 4.97 -16.57
N GLN A 47 -0.20 5.08 -17.37
CA GLN A 47 1.15 4.91 -16.82
C GLN A 47 1.44 5.98 -15.77
N THR A 48 0.98 7.21 -16.01
CA THR A 48 1.15 8.27 -15.02
C THR A 48 0.26 8.05 -13.82
N HIS A 49 -1.00 7.64 -14.04
CA HIS A 49 -1.90 7.34 -12.94
C HIS A 49 -1.29 6.29 -12.00
N TYR A 50 -0.75 5.23 -12.57
CA TYR A 50 -0.19 4.13 -11.79
C TYR A 50 1.32 4.22 -11.65
N GLU A 51 1.91 5.42 -11.63
CA GLU A 51 3.37 5.54 -11.67
C GLU A 51 4.05 4.86 -10.47
N ALA A 52 3.36 4.78 -9.33
CA ALA A 52 3.92 4.12 -8.15
C ALA A 52 4.14 2.63 -8.37
N LEU A 53 3.45 2.04 -9.37
CA LEU A 53 3.52 0.63 -9.70
C LEU A 53 4.42 0.33 -10.91
N LYS A 54 5.08 1.35 -11.49
CA LYS A 54 5.79 1.14 -12.75
C LYS A 54 6.93 0.12 -12.66
N SER A 55 7.48 -0.12 -11.48
CA SER A 55 8.56 -1.10 -11.33
C SER A 55 8.06 -2.54 -11.20
N LEU A 56 6.76 -2.78 -11.16
CA LEU A 56 6.28 -4.10 -10.75
C LEU A 56 5.92 -4.96 -11.97
N SER A 57 6.02 -6.29 -11.78
CA SER A 57 5.86 -7.22 -12.89
C SER A 57 4.50 -7.08 -13.60
N PHE A 58 3.46 -6.74 -12.86
CA PHE A 58 2.10 -6.74 -13.43
C PHE A 58 1.69 -5.41 -14.05
N PHE A 59 2.56 -4.40 -13.97
CA PHE A 59 2.23 -3.07 -14.50
C PHE A 59 1.86 -3.07 -15.97
N PRO A 60 2.62 -3.66 -16.90
CA PRO A 60 2.18 -3.61 -18.32
C PRO A 60 0.81 -4.24 -18.55
N LYS A 61 0.55 -5.37 -17.90
CA LYS A 61 -0.74 -6.02 -18.01
C LYS A 61 -1.86 -5.17 -17.44
N LEU A 62 -1.61 -4.49 -16.31
CA LEU A 62 -2.61 -3.60 -15.73
C LEU A 62 -2.93 -2.43 -16.65
N VAL A 63 -1.90 -1.83 -17.26
CA VAL A 63 -2.11 -0.67 -18.13
C VAL A 63 -2.89 -1.06 -19.38
N ALA A 64 -2.58 -2.22 -19.97
CA ALA A 64 -3.33 -2.70 -21.14
C ALA A 64 -4.78 -3.01 -20.78
N TYR A 65 -5.00 -3.65 -19.62
CA TYR A 65 -6.37 -3.93 -19.22
C TYR A 65 -7.15 -2.64 -19.00
N MET A 66 -6.54 -1.67 -18.33
CA MET A 66 -7.27 -0.44 -18.02
C MET A 66 -7.53 0.42 -19.26
N SER A 67 -6.90 0.12 -20.40
CA SER A 67 -7.25 0.80 -21.63
C SER A 67 -8.09 -0.07 -22.56
N SER A 68 -8.54 -1.25 -22.11
CA SER A 68 -9.25 -2.17 -22.99
C SER A 68 -10.74 -1.87 -23.12
N GLY A 69 -11.26 -0.93 -22.35
CA GLY A 69 -12.65 -0.50 -22.48
C GLY A 69 -12.82 0.82 -21.72
N PRO A 70 -13.94 1.53 -21.94
CA PRO A 70 -14.10 2.86 -21.34
C PRO A 70 -14.11 2.78 -19.81
N VAL A 71 -13.70 3.89 -19.19
CA VAL A 71 -13.70 4.07 -17.74
C VAL A 71 -14.47 5.34 -17.42
N VAL A 72 -14.86 5.48 -16.15
CA VAL A 72 -15.59 6.66 -15.68
C VAL A 72 -14.86 7.26 -14.48
N PRO A 73 -13.90 8.15 -14.72
CA PRO A 73 -13.31 8.95 -13.62
C PRO A 73 -14.31 9.93 -13.03
N MET A 74 -14.17 10.20 -11.73
CA MET A 74 -15.06 11.17 -11.09
C MET A 74 -14.40 11.69 -9.80
N VAL A 75 -14.98 12.76 -9.24
CA VAL A 75 -14.41 13.41 -8.06
C VAL A 75 -15.53 13.69 -7.06
N PHE A 76 -15.32 13.33 -5.79
CA PHE A 76 -16.29 13.55 -4.74
C PHE A 76 -15.69 14.46 -3.68
N GLU A 77 -16.55 15.24 -3.03
CA GLU A 77 -16.15 16.24 -2.04
C GLU A 77 -16.92 16.03 -0.71
N GLY A 78 -16.21 16.05 0.41
CA GLY A 78 -16.84 16.15 1.71
C GLY A 78 -15.88 15.73 2.80
N ARG A 79 -16.35 15.81 4.04
CA ARG A 79 -15.52 15.50 5.21
C ARG A 79 -15.07 14.05 5.21
N LYS A 80 -13.75 13.84 5.36
CA LYS A 80 -13.13 12.52 5.47
C LYS A 80 -13.41 11.66 4.24
N VAL A 81 -13.59 12.30 3.07
CA VAL A 81 -14.03 11.55 1.90
C VAL A 81 -12.93 10.59 1.41
N VAL A 82 -11.65 10.92 1.59
CA VAL A 82 -10.59 10.00 1.14
C VAL A 82 -10.61 8.71 1.96
N GLU A 83 -10.52 8.82 3.30
CA GLU A 83 -10.48 7.59 4.10
C GLU A 83 -11.83 6.86 4.05
N ASN A 84 -12.94 7.59 4.02
CA ASN A 84 -14.23 6.90 3.89
C ASN A 84 -14.40 6.26 2.52
N GLY A 85 -13.87 6.91 1.47
CA GLY A 85 -13.87 6.27 0.15
C GLY A 85 -13.17 4.91 0.15
N ARG A 86 -12.04 4.81 0.83
CA ARG A 86 -11.34 3.54 0.84
C ARG A 86 -12.16 2.47 1.57
N THR A 87 -12.82 2.85 2.67
CA THR A 87 -13.65 1.89 3.41
C THR A 87 -14.85 1.46 2.59
N MET A 88 -15.46 2.41 1.88
CA MET A 88 -16.64 2.10 1.08
C MET A 88 -16.31 1.21 -0.11
N LEU A 89 -15.09 1.31 -0.63
CA LEU A 89 -14.73 0.46 -1.75
C LEU A 89 -14.42 -0.96 -1.29
N GLY A 90 -13.85 -1.10 -0.11
CA GLY A 90 -13.48 -2.40 0.40
C GLY A 90 -12.02 -2.72 0.11
N ALA A 91 -11.54 -3.77 0.78
CA ALA A 91 -10.20 -4.27 0.55
C ALA A 91 -9.92 -4.45 -0.94
N THR A 92 -8.66 -4.22 -1.32
CA THR A 92 -8.25 -4.44 -2.71
C THR A 92 -8.67 -5.84 -3.19
N LYS A 93 -8.35 -6.85 -2.38
CA LYS A 93 -8.74 -8.21 -2.65
C LYS A 93 -10.19 -8.41 -2.25
N PRO A 94 -11.09 -8.73 -3.19
CA PRO A 94 -12.50 -8.91 -2.81
C PRO A 94 -12.73 -9.92 -1.68
N GLU A 95 -11.98 -11.03 -1.65
CA GLU A 95 -12.20 -12.03 -0.61
C GLU A 95 -11.85 -11.53 0.78
N ALA A 96 -11.12 -10.43 0.90
CA ALA A 96 -10.86 -9.80 2.19
C ALA A 96 -11.82 -8.65 2.48
N SER A 97 -12.74 -8.35 1.56
CA SER A 97 -13.67 -7.22 1.68
C SER A 97 -14.90 -7.62 2.48
N CYS A 98 -15.35 -6.71 3.36
CA CYS A 98 -16.54 -7.03 4.12
C CYS A 98 -17.78 -6.76 3.26
N PRO A 99 -18.85 -7.51 3.48
CA PRO A 99 -20.09 -7.22 2.76
C PRO A 99 -20.54 -5.82 3.13
N GLY A 100 -21.35 -5.22 2.28
CA GLY A 100 -21.62 -3.82 2.40
C GLY A 100 -20.64 -2.93 1.66
N SER A 101 -19.41 -3.38 1.44
CA SER A 101 -18.46 -2.63 0.59
C SER A 101 -18.71 -2.92 -0.89
N ILE A 102 -18.23 -2.03 -1.78
CA ILE A 102 -18.49 -2.28 -3.21
C ILE A 102 -17.83 -3.59 -3.65
N ARG A 103 -16.55 -3.80 -3.29
CA ARG A 103 -15.91 -5.03 -3.77
C ARG A 103 -16.43 -6.26 -3.05
N GLY A 104 -16.80 -6.14 -1.79
CA GLY A 104 -17.42 -7.27 -1.10
C GLY A 104 -18.80 -7.63 -1.64
N ASP A 105 -19.52 -6.64 -2.15
CA ASP A 105 -20.84 -6.93 -2.72
C ASP A 105 -20.76 -7.45 -4.14
N TYR A 106 -19.77 -7.01 -4.96
CA TYR A 106 -19.87 -7.23 -6.40
C TYR A 106 -18.71 -7.98 -7.03
N CYS A 107 -17.61 -8.20 -6.31
CA CYS A 107 -16.39 -8.64 -6.98
C CYS A 107 -15.90 -9.99 -6.47
N GLN A 108 -15.21 -10.74 -7.35
CA GLN A 108 -14.64 -12.00 -6.91
C GLN A 108 -13.15 -12.14 -7.25
N ASP A 109 -12.57 -11.17 -7.92
CA ASP A 109 -11.21 -11.29 -8.42
C ASP A 109 -10.53 -9.95 -8.25
N VAL A 110 -9.30 -9.94 -7.71
CA VAL A 110 -8.62 -8.66 -7.52
C VAL A 110 -8.35 -7.95 -8.85
N GLY A 111 -8.21 -8.70 -9.95
CA GLY A 111 -7.97 -8.01 -11.20
C GLY A 111 -9.20 -7.50 -11.90
N ARG A 112 -10.38 -7.80 -11.34
CA ARG A 112 -11.67 -7.26 -11.83
C ARG A 112 -12.43 -6.71 -10.62
N ASN A 113 -11.92 -5.65 -10.00
CA ASN A 113 -12.51 -5.18 -8.75
C ASN A 113 -13.20 -3.83 -8.91
N VAL A 114 -13.70 -3.57 -10.14
CA VAL A 114 -14.78 -2.64 -10.48
C VAL A 114 -14.43 -1.15 -10.38
N VAL A 115 -13.63 -0.75 -9.41
CA VAL A 115 -13.55 0.68 -9.08
C VAL A 115 -12.19 0.95 -8.43
N HIS A 116 -11.62 2.11 -8.74
CA HIS A 116 -10.39 2.66 -8.13
C HIS A 116 -10.72 3.81 -7.19
N GLY A 117 -9.98 3.96 -6.10
CA GLY A 117 -10.18 5.13 -5.23
C GLY A 117 -8.84 5.57 -4.67
N SER A 118 -8.62 6.89 -4.53
CA SER A 118 -7.37 7.42 -3.97
C SER A 118 -7.04 6.84 -2.60
N ASP A 119 -5.76 6.56 -2.37
CA ASP A 119 -5.39 5.99 -1.07
C ASP A 119 -4.94 7.02 -0.05
N SER A 120 -4.74 8.28 -0.43
CA SER A 120 -4.27 9.29 0.50
C SER A 120 -4.71 10.65 -0.03
N THR A 121 -4.68 11.66 0.84
CA THR A 121 -5.01 12.98 0.31
C THR A 121 -3.98 13.45 -0.72
N GLU A 122 -2.69 13.12 -0.52
CA GLU A 122 -1.70 13.54 -1.52
C GLU A 122 -1.96 12.86 -2.87
N SER A 123 -2.29 11.58 -2.86
CA SER A 123 -2.66 10.87 -4.08
C SER A 123 -3.91 11.44 -4.72
N ALA A 124 -4.89 11.82 -3.90
CA ALA A 124 -6.13 12.32 -4.44
C ALA A 124 -5.91 13.63 -5.18
N ASN A 125 -5.14 14.55 -4.59
CA ASN A 125 -4.92 15.81 -5.27
C ASN A 125 -4.19 15.58 -6.59
N ARG A 126 -3.17 14.70 -6.58
CA ARG A 126 -2.46 14.38 -7.81
C ARG A 126 -3.39 13.78 -8.87
N GLU A 127 -4.20 12.79 -8.47
CA GLU A 127 -5.05 12.11 -9.43
C GLU A 127 -6.16 13.01 -9.97
N ILE A 128 -6.76 13.83 -9.10
CA ILE A 128 -7.80 14.75 -9.56
C ILE A 128 -7.26 15.63 -10.68
N ASN A 129 -6.08 16.24 -10.45
CA ASN A 129 -5.49 17.16 -11.43
C ASN A 129 -4.95 16.45 -12.67
N LEU A 130 -4.64 15.16 -12.55
CA LEU A 130 -4.17 14.40 -13.69
C LEU A 130 -5.31 14.12 -14.67
N TRP A 131 -6.49 13.80 -14.14
CA TRP A 131 -7.62 13.38 -14.95
C TRP A 131 -8.56 14.54 -15.33
N PHE A 132 -8.58 15.63 -14.57
CA PHE A 132 -9.50 16.72 -14.82
C PHE A 132 -8.76 18.06 -14.88
N SER A 133 -9.12 18.90 -15.86
CA SER A 133 -8.64 20.27 -15.83
C SER A 133 -9.47 21.06 -14.82
N PRO A 134 -8.92 22.15 -14.28
CA PRO A 134 -9.68 22.92 -13.28
C PRO A 134 -11.08 23.33 -13.75
N GLN A 135 -11.25 23.59 -15.05
CA GLN A 135 -12.55 24.00 -15.58
C GLN A 135 -13.59 22.90 -15.51
N GLU A 136 -13.18 21.65 -15.37
CA GLU A 136 -14.15 20.56 -15.26
C GLU A 136 -14.66 20.36 -13.85
N LEU A 137 -14.02 20.96 -12.84
CA LEU A 137 -14.41 20.79 -11.45
C LEU A 137 -15.49 21.82 -11.14
N CYS A 138 -16.69 21.35 -10.85
CA CYS A 138 -17.83 22.23 -10.58
C CYS A 138 -17.93 22.51 -9.09
N GLN A 139 -18.45 23.69 -8.76
CA GLN A 139 -18.62 24.08 -7.36
C GLN A 139 -20.08 24.49 -7.12
N TYR A 140 -20.66 23.97 -6.05
CA TYR A 140 -21.98 24.43 -5.63
C TYR A 140 -22.09 24.22 -4.13
N LYS A 141 -23.09 24.87 -3.54
CA LYS A 141 -23.33 24.81 -2.11
C LYS A 141 -24.49 23.84 -1.91
N GLN A 142 -24.21 22.75 -1.27
CA GLN A 142 -25.19 21.72 -0.97
C GLN A 142 -26.19 22.24 0.07
N ALA A 143 -27.47 22.20 -0.28
CA ALA A 143 -28.51 22.68 0.64
C ALA A 143 -28.51 21.90 1.96
N VAL A 144 -28.24 20.59 1.94
CA VAL A 144 -28.26 19.84 3.20
C VAL A 144 -27.00 20.02 4.02
N ASP A 145 -26.08 20.90 3.59
CA ASP A 145 -24.82 21.06 4.30
C ASP A 145 -24.95 21.18 5.83
N PRO A 146 -25.87 21.98 6.39
CA PRO A 146 -25.96 22.10 7.87
C PRO A 146 -26.32 20.80 8.58
N TRP A 147 -26.83 19.81 7.85
CA TRP A 147 -27.28 18.56 8.43
C TRP A 147 -26.32 17.41 8.13
N ILE A 148 -25.29 17.62 7.32
CA ILE A 148 -24.30 16.57 7.11
C ILE A 148 -23.01 16.83 7.85
N HIS A 149 -22.71 18.06 8.24
CA HIS A 149 -21.55 18.22 9.11
C HIS A 149 -21.80 19.35 10.09
N GLU A 150 -21.07 19.30 11.19
CA GLU A 150 -21.12 20.33 12.23
C GLU A 150 -19.89 21.20 12.14
N PRO B 2 10.90 -22.51 -1.15
CA PRO B 2 11.60 -21.85 -0.03
C PRO B 2 11.28 -20.35 0.11
N GLU B 3 10.20 -20.03 0.83
CA GLU B 3 9.75 -18.66 1.00
C GLU B 3 10.72 -17.88 1.88
N ARG B 4 11.08 -16.66 1.47
CA ARG B 4 11.94 -15.80 2.26
C ARG B 4 11.38 -14.38 2.28
N THR B 5 11.69 -13.65 3.35
CA THR B 5 11.33 -12.24 3.45
C THR B 5 12.53 -11.42 3.90
N PHE B 6 12.50 -10.15 3.54
CA PHE B 6 13.53 -9.20 3.93
C PHE B 6 13.00 -8.35 5.09
N ILE B 7 13.71 -8.38 6.20
CA ILE B 7 13.40 -7.59 7.39
C ILE B 7 14.59 -6.66 7.61
N MET B 8 14.33 -5.42 7.99
CA MET B 8 15.42 -4.48 8.28
C MET B 8 15.12 -3.64 9.51
N VAL B 9 16.04 -3.64 10.48
CA VAL B 9 15.92 -2.76 11.64
C VAL B 9 16.39 -1.37 11.23
N LYS B 10 15.54 -0.36 11.44
CA LYS B 10 15.78 1.01 11.01
C LYS B 10 16.64 1.71 12.04
N PRO B 11 17.13 2.93 11.75
CA PRO B 11 18.10 3.55 12.69
C PRO B 11 17.58 3.69 14.11
N ASP B 12 16.27 3.96 14.26
CA ASP B 12 15.71 4.07 15.60
C ASP B 12 15.68 2.72 16.31
N GLY B 13 15.44 1.64 15.56
CA GLY B 13 15.53 0.32 16.17
C GLY B 13 16.92 0.00 16.70
N VAL B 14 17.96 0.42 15.97
CA VAL B 14 19.32 0.20 16.46
C VAL B 14 19.57 1.05 17.70
N GLN B 15 19.20 2.33 17.63
CA GLN B 15 19.43 3.25 18.76
C GLN B 15 18.77 2.73 20.04
N ARG B 16 17.54 2.25 19.93
CA ARG B 16 16.76 1.84 21.09
C ARG B 16 17.04 0.41 21.54
N GLY B 17 18.01 -0.27 20.95
CA GLY B 17 18.39 -1.60 21.44
C GLY B 17 17.37 -2.70 21.16
N LEU B 18 16.72 -2.66 20.01
CA LEU B 18 15.65 -3.61 19.68
C LEU B 18 16.04 -4.60 18.59
N VAL B 19 17.32 -4.65 18.20
CA VAL B 19 17.73 -5.57 17.15
C VAL B 19 17.47 -7.02 17.57
N GLY B 20 17.91 -7.39 18.77
CA GLY B 20 17.69 -8.75 19.25
C GLY B 20 16.21 -9.08 19.39
N GLU B 21 15.41 -8.10 19.80
CA GLU B 21 13.98 -8.34 19.97
C GLU B 21 13.31 -8.70 18.64
N VAL B 22 13.63 -7.94 17.58
CA VAL B 22 13.10 -8.25 16.24
C VAL B 22 13.47 -9.68 15.84
N ILE B 23 14.76 -10.02 15.94
CA ILE B 23 15.22 -11.35 15.54
C ILE B 23 14.50 -12.43 16.33
N GLN B 24 14.35 -12.24 17.64
CA GLN B 24 13.75 -13.28 18.47
C GLN B 24 12.30 -13.57 18.09
N ARG B 25 11.55 -12.55 17.66
CA ARG B 25 10.15 -12.77 17.31
C ARG B 25 10.04 -13.72 16.15
N PHE B 26 10.94 -13.61 15.19
CA PHE B 26 10.96 -14.54 14.06
C PHE B 26 11.50 -15.90 14.47
N GLU B 27 12.60 -15.95 15.22
CA GLU B 27 13.12 -17.24 15.66
C GLU B 27 12.09 -18.01 16.47
N ARG B 28 11.35 -17.34 17.34
CA ARG B 28 10.48 -18.12 18.20
C ARG B 28 9.30 -18.70 17.41
N ARG B 29 9.04 -18.17 16.22
CA ARG B 29 8.05 -18.72 15.31
C ARG B 29 8.65 -19.77 14.38
N GLY B 30 9.90 -20.17 14.61
CA GLY B 30 10.53 -21.22 13.83
C GLY B 30 11.16 -20.76 12.54
N TYR B 31 11.16 -19.45 12.25
CA TYR B 31 11.75 -18.98 11.01
C TYR B 31 13.28 -19.05 11.08
N LYS B 32 13.91 -19.35 9.94
CA LYS B 32 15.36 -19.50 9.87
C LYS B 32 16.02 -18.20 9.46
N LEU B 33 17.01 -17.76 10.24
CA LEU B 33 17.85 -16.65 9.84
C LEU B 33 18.81 -17.16 8.78
N VAL B 34 18.81 -16.55 7.61
CA VAL B 34 19.72 -16.97 6.54
C VAL B 34 20.69 -15.88 6.13
N ALA B 35 20.47 -14.62 6.54
CA ALA B 35 21.44 -13.57 6.27
C ALA B 35 21.19 -12.45 7.26
N ILE B 36 22.25 -11.69 7.56
CA ILE B 36 22.13 -10.51 8.43
C ILE B 36 23.42 -9.70 8.32
N LYS B 37 23.32 -8.37 8.38
CA LYS B 37 24.51 -7.55 8.56
C LYS B 37 24.11 -6.17 9.05
N MET B 38 25.07 -5.46 9.65
CA MET B 38 24.88 -4.07 10.04
C MET B 38 25.67 -3.18 9.10
N MET B 39 25.05 -2.11 8.60
CA MET B 39 25.74 -1.25 7.65
C MET B 39 25.20 0.17 7.74
N HIS B 40 25.98 1.11 7.20
CA HIS B 40 25.49 2.44 6.83
C HIS B 40 25.03 2.38 5.38
N ALA B 41 23.73 2.52 5.15
CA ALA B 41 23.21 2.39 3.79
C ALA B 41 23.40 3.70 3.03
N SER B 42 23.87 3.57 1.78
CA SER B 42 24.06 4.73 0.93
C SER B 42 22.72 5.27 0.42
N GLU B 43 22.76 6.50 -0.06
CA GLU B 43 21.54 7.12 -0.59
C GLU B 43 21.04 6.39 -1.84
N GLN B 44 21.97 6.03 -2.73
CA GLN B 44 21.59 5.27 -3.92
C GLN B 44 20.85 3.99 -3.55
N LEU B 45 21.40 3.21 -2.60
CA LEU B 45 20.77 1.96 -2.16
C LEU B 45 19.38 2.20 -1.58
N LEU B 46 19.23 3.26 -0.78
CA LEU B 46 17.94 3.52 -0.14
C LEU B 46 16.92 4.02 -1.15
N GLN B 47 17.36 4.79 -2.15
CA GLN B 47 16.43 5.23 -3.18
C GLN B 47 15.93 4.04 -3.98
N THR B 48 16.82 3.07 -4.24
CA THR B 48 16.41 1.85 -4.92
C THR B 48 15.49 1.02 -4.02
N HIS B 49 15.83 0.88 -2.74
CA HIS B 49 14.96 0.15 -1.83
C HIS B 49 13.56 0.73 -1.84
N TYR B 50 13.45 2.05 -1.75
CA TYR B 50 12.15 2.73 -1.67
C TYR B 50 11.66 3.25 -3.02
N GLU B 51 12.01 2.56 -4.12
CA GLU B 51 11.76 3.13 -5.43
C GLU B 51 10.26 3.32 -5.68
N ALA B 52 9.41 2.52 -5.03
CA ALA B 52 7.97 2.71 -5.23
C ALA B 52 7.47 4.02 -4.64
N LEU B 53 8.24 4.66 -3.76
CA LEU B 53 7.83 5.91 -3.13
C LEU B 53 8.49 7.13 -3.76
N LYS B 54 9.24 6.96 -4.85
CA LYS B 54 10.11 8.05 -5.30
C LYS B 54 9.33 9.27 -5.76
N SER B 55 8.07 9.10 -6.17
CA SER B 55 7.24 10.22 -6.59
C SER B 55 6.58 10.97 -5.43
N LEU B 56 6.71 10.51 -4.18
CA LEU B 56 5.93 11.08 -3.10
C LEU B 56 6.69 12.16 -2.35
N SER B 57 5.93 13.06 -1.72
CA SER B 57 6.49 14.28 -1.12
C SER B 57 7.52 13.98 -0.03
N PHE B 58 7.32 12.91 0.72
CA PHE B 58 8.15 12.62 1.89
C PHE B 58 9.38 11.78 1.57
N PHE B 59 9.62 11.49 0.29
CA PHE B 59 10.67 10.53 -0.09
C PHE B 59 12.07 11.06 0.22
N PRO B 60 12.46 12.29 -0.12
CA PRO B 60 13.82 12.73 0.23
C PRO B 60 14.08 12.70 1.73
N LYS B 61 13.10 13.10 2.53
CA LYS B 61 13.27 13.09 3.97
C LYS B 61 13.41 11.67 4.51
N LEU B 62 12.61 10.74 4.00
CA LEU B 62 12.75 9.33 4.38
C LEU B 62 14.14 8.79 4.05
N VAL B 63 14.62 9.08 2.83
CA VAL B 63 15.95 8.62 2.44
C VAL B 63 17.02 9.22 3.33
N ALA B 64 16.91 10.53 3.62
CA ALA B 64 17.86 11.17 4.51
C ALA B 64 17.82 10.55 5.89
N TYR B 65 16.62 10.29 6.41
CA TYR B 65 16.52 9.66 7.73
C TYR B 65 17.16 8.28 7.75
N MET B 66 16.81 7.43 6.77
CA MET B 66 17.30 6.05 6.73
C MET B 66 18.81 5.94 6.53
N SER B 67 19.51 7.02 6.17
CA SER B 67 20.97 7.02 6.21
C SER B 67 21.54 7.82 7.39
N SER B 68 20.71 8.20 8.36
CA SER B 68 21.23 9.02 9.45
C SER B 68 21.86 8.20 10.56
N GLY B 69 21.80 6.87 10.46
CA GLY B 69 22.47 5.99 11.39
C GLY B 69 22.47 4.59 10.80
N PRO B 70 23.16 3.64 11.45
CA PRO B 70 23.22 2.27 10.90
C PRO B 70 21.87 1.57 10.89
N VAL B 71 21.74 0.63 9.95
CA VAL B 71 20.59 -0.25 9.80
C VAL B 71 21.07 -1.69 9.87
N VAL B 72 20.13 -2.60 10.11
CA VAL B 72 20.44 -4.02 10.20
C VAL B 72 19.50 -4.79 9.28
N PRO B 73 19.83 -4.93 7.98
CA PRO B 73 19.04 -5.80 7.10
C PRO B 73 19.26 -7.28 7.43
N MET B 74 18.23 -8.08 7.17
CA MET B 74 18.31 -9.50 7.46
C MET B 74 17.28 -10.23 6.59
N VAL B 75 17.41 -11.56 6.53
CA VAL B 75 16.54 -12.40 5.71
C VAL B 75 16.09 -13.59 6.55
N PHE B 76 14.80 -13.90 6.49
CA PHE B 76 14.22 -15.05 7.19
C PHE B 76 13.55 -15.98 6.18
N GLU B 77 13.56 -17.27 6.50
CA GLU B 77 13.04 -18.31 5.63
C GLU B 77 12.03 -19.18 6.38
N GLY B 78 10.90 -19.46 5.73
CA GLY B 78 9.95 -20.41 6.27
C GLY B 78 8.60 -20.23 5.62
N ARG B 79 7.67 -21.10 5.99
CA ARG B 79 6.34 -21.09 5.34
C ARG B 79 5.57 -19.83 5.72
N LYS B 80 5.02 -19.16 4.70
CA LYS B 80 4.18 -17.96 4.86
C LYS B 80 4.94 -16.84 5.56
N VAL B 81 6.26 -16.81 5.39
CA VAL B 81 7.07 -15.87 6.18
C VAL B 81 6.79 -14.43 5.73
N VAL B 82 6.44 -14.22 4.46
CA VAL B 82 6.18 -12.84 4.02
C VAL B 82 4.90 -12.30 4.68
N GLU B 83 3.77 -12.99 4.53
CA GLU B 83 2.53 -12.48 5.12
C GLU B 83 2.59 -12.48 6.64
N ASN B 84 3.18 -13.54 7.25
CA ASN B 84 3.32 -13.55 8.71
C ASN B 84 4.26 -12.45 9.17
N GLY B 85 5.35 -12.20 8.43
CA GLY B 85 6.21 -11.07 8.75
C GLY B 85 5.45 -9.77 8.84
N ARG B 86 4.52 -9.53 7.91
CA ARG B 86 3.75 -8.29 7.95
C ARG B 86 2.91 -8.23 9.21
N THR B 87 2.25 -9.34 9.56
CA THR B 87 1.41 -9.37 10.77
C THR B 87 2.24 -9.13 12.02
N MET B 88 3.42 -9.77 12.08
CA MET B 88 4.26 -9.66 13.26
C MET B 88 4.82 -8.25 13.44
N LEU B 89 5.04 -7.53 12.34
CA LEU B 89 5.55 -6.17 12.43
C LEU B 89 4.45 -5.21 12.90
N GLY B 90 3.22 -5.44 12.46
CA GLY B 90 2.10 -4.59 12.82
C GLY B 90 1.80 -3.56 11.75
N ALA B 91 0.69 -2.84 11.94
CA ALA B 91 0.27 -1.85 10.95
C ALA B 91 1.34 -0.79 10.81
N THR B 92 1.40 -0.17 9.63
CA THR B 92 2.38 0.89 9.37
C THR B 92 2.31 1.96 10.44
N LYS B 93 1.12 2.53 10.64
CA LYS B 93 0.87 3.49 11.72
C LYS B 93 0.81 2.74 13.05
N PRO B 94 1.72 2.98 14.00
CA PRO B 94 1.67 2.22 15.26
C PRO B 94 0.33 2.30 16.00
N GLU B 95 -0.38 3.43 15.92
CA GLU B 95 -1.66 3.56 16.61
C GLU B 95 -2.75 2.67 16.00
N ALA B 96 -2.53 2.10 14.83
CA ALA B 96 -3.42 1.11 14.26
C ALA B 96 -2.93 -0.32 14.47
N SER B 97 -1.88 -0.51 15.28
CA SER B 97 -1.17 -1.77 15.42
C SER B 97 -1.66 -2.56 16.64
N CYS B 98 -1.77 -3.88 16.46
CA CYS B 98 -2.24 -4.75 17.53
C CYS B 98 -1.20 -4.82 18.63
N PRO B 99 -1.61 -4.84 19.89
CA PRO B 99 -0.66 -5.14 20.95
C PRO B 99 -0.08 -6.52 20.66
N GLY B 100 1.17 -6.72 21.03
CA GLY B 100 1.86 -7.93 20.67
C GLY B 100 2.58 -7.87 19.34
N SER B 101 2.20 -6.95 18.44
CA SER B 101 3.05 -6.70 17.28
C SER B 101 4.22 -5.80 17.69
N ILE B 102 5.26 -5.78 16.83
CA ILE B 102 6.46 -4.99 17.15
C ILE B 102 6.11 -3.50 17.25
N ARG B 103 5.38 -2.99 16.26
CA ARG B 103 5.07 -1.56 16.30
C ARG B 103 4.05 -1.24 17.37
N GLY B 104 3.12 -2.16 17.65
CA GLY B 104 2.17 -1.95 18.73
C GLY B 104 2.81 -2.02 20.10
N ASP B 105 3.91 -2.77 20.23
CA ASP B 105 4.57 -2.88 21.52
C ASP B 105 5.55 -1.75 21.77
N TYR B 106 6.20 -1.23 20.73
CA TYR B 106 7.36 -0.35 20.89
C TYR B 106 7.27 1.03 20.25
N CYS B 107 6.28 1.31 19.39
CA CYS B 107 6.34 2.52 18.58
C CYS B 107 5.15 3.43 18.83
N GLN B 108 5.38 4.74 18.67
CA GLN B 108 4.31 5.73 18.72
C GLN B 108 4.22 6.60 17.48
N ASP B 109 5.10 6.43 16.50
CA ASP B 109 5.18 7.37 15.38
C ASP B 109 5.50 6.60 14.12
N VAL B 110 4.75 6.86 13.04
CA VAL B 110 4.98 6.12 11.80
C VAL B 110 6.38 6.40 11.26
N GLY B 111 6.88 7.61 11.42
CA GLY B 111 8.22 7.90 10.94
C GLY B 111 9.32 7.37 11.81
N ARG B 112 8.98 6.73 12.95
CA ARG B 112 9.95 6.06 13.84
C ARG B 112 9.36 4.70 14.24
N ASN B 113 9.21 3.81 13.25
CA ASN B 113 8.50 2.56 13.48
C ASN B 113 9.43 1.36 13.39
N VAL B 114 10.73 1.58 13.64
CA VAL B 114 11.68 0.59 14.14
C VAL B 114 12.16 -0.42 13.10
N VAL B 115 11.27 -0.89 12.22
CA VAL B 115 11.62 -2.05 11.40
C VAL B 115 10.84 -1.98 10.09
N HIS B 116 11.46 -2.50 9.03
CA HIS B 116 10.85 -2.65 7.70
C HIS B 116 10.66 -4.13 7.41
N GLY B 117 9.56 -4.48 6.74
CA GLY B 117 9.40 -5.83 6.22
C GLY B 117 8.80 -5.80 4.83
N SER B 118 9.19 -6.78 4.01
CA SER B 118 8.67 -6.92 2.65
C SER B 118 7.15 -7.10 2.63
N ASP B 119 6.51 -6.42 1.69
CA ASP B 119 5.06 -6.45 1.67
C ASP B 119 4.48 -7.49 0.71
N SER B 120 5.30 -8.16 -0.08
CA SER B 120 4.83 -9.18 -1.02
C SER B 120 6.00 -10.07 -1.38
N THR B 121 5.69 -11.24 -1.94
CA THR B 121 6.77 -12.12 -2.39
CA THR B 121 6.76 -12.13 -2.40
C THR B 121 7.62 -11.44 -3.45
N GLU B 122 7.00 -10.73 -4.41
CA GLU B 122 7.80 -10.01 -5.41
C GLU B 122 8.74 -9.00 -4.75
N SER B 123 8.24 -8.22 -3.79
CA SER B 123 9.09 -7.24 -3.11
C SER B 123 10.20 -7.93 -2.34
N ALA B 124 9.89 -9.03 -1.67
CA ALA B 124 10.90 -9.72 -0.87
C ALA B 124 12.05 -10.22 -1.75
N ASN B 125 11.73 -10.83 -2.89
CA ASN B 125 12.79 -11.32 -3.76
C ASN B 125 13.68 -10.18 -4.25
N ARG B 126 13.08 -9.05 -4.64
CA ARG B 126 13.85 -7.89 -5.07
C ARG B 126 14.70 -7.33 -3.93
N GLU B 127 14.11 -7.19 -2.74
CA GLU B 127 14.84 -6.57 -1.62
C GLU B 127 15.96 -7.48 -1.14
N ILE B 128 15.74 -8.80 -1.08
CA ILE B 128 16.81 -9.71 -0.65
C ILE B 128 18.01 -9.57 -1.57
N ASN B 129 17.77 -9.53 -2.89
CA ASN B 129 18.84 -9.44 -3.87
C ASN B 129 19.43 -8.04 -3.97
N LEU B 130 18.70 -7.03 -3.52
CA LEU B 130 19.24 -5.68 -3.47
C LEU B 130 20.27 -5.55 -2.36
N TRP B 131 19.96 -6.11 -1.18
CA TRP B 131 20.78 -5.89 -0.01
C TRP B 131 21.86 -6.96 0.17
N PHE B 132 21.68 -8.14 -0.41
CA PHE B 132 22.59 -9.25 -0.16
C PHE B 132 23.01 -9.89 -1.47
N SER B 133 24.31 -10.13 -1.61
CA SER B 133 24.77 -10.96 -2.70
C SER B 133 24.39 -12.42 -2.45
N PRO B 134 24.32 -13.24 -3.49
CA PRO B 134 24.00 -14.66 -3.28
C PRO B 134 24.92 -15.36 -2.29
N GLN B 135 26.20 -14.97 -2.27
CA GLN B 135 27.18 -15.58 -1.39
C GLN B 135 26.90 -15.33 0.08
N GLU B 136 26.17 -14.25 0.39
CA GLU B 136 25.87 -13.92 1.77
C GLU B 136 24.69 -14.71 2.34
N LEU B 137 23.94 -15.42 1.51
CA LEU B 137 22.76 -16.15 1.93
C LEU B 137 23.18 -17.53 2.38
N CYS B 138 22.96 -17.85 3.66
CA CYS B 138 23.44 -19.10 4.22
C CYS B 138 22.37 -20.19 4.11
N GLN B 139 22.82 -21.42 3.98
CA GLN B 139 21.92 -22.56 3.87
C GLN B 139 22.20 -23.55 5.00
N TYR B 140 21.14 -24.08 5.59
CA TYR B 140 21.29 -25.15 6.56
C TYR B 140 19.92 -25.78 6.77
N LYS B 141 19.94 -27.02 7.26
CA LYS B 141 18.72 -27.81 7.49
C LYS B 141 18.36 -27.69 8.96
N GLN B 142 17.23 -27.06 9.25
CA GLN B 142 16.76 -26.88 10.61
C GLN B 142 16.37 -28.23 11.23
N ALA B 143 16.98 -28.56 12.38
CA ALA B 143 16.68 -29.82 13.05
C ALA B 143 15.19 -29.98 13.40
N VAL B 144 14.53 -28.90 13.86
CA VAL B 144 13.12 -28.98 14.26
C VAL B 144 12.17 -28.98 13.09
N ASP B 145 12.68 -28.97 11.85
CA ASP B 145 11.83 -28.85 10.68
C ASP B 145 10.62 -29.78 10.65
N PRO B 146 10.73 -31.07 10.99
CA PRO B 146 9.52 -31.93 10.94
C PRO B 146 8.48 -31.54 11.96
N TRP B 147 8.82 -30.70 12.93
CA TRP B 147 7.89 -30.29 13.97
C TRP B 147 7.33 -28.90 13.75
N ILE B 148 7.81 -28.16 12.75
CA ILE B 148 7.21 -26.86 12.44
C ILE B 148 6.50 -26.84 11.10
N HIS B 149 6.81 -27.76 10.18
CA HIS B 149 6.17 -27.86 8.88
C HIS B 149 5.46 -29.20 8.79
N GLU B 150 4.28 -29.20 8.21
CA GLU B 150 3.58 -30.44 7.94
C GLU B 150 4.03 -31.00 6.59
#